data_6J7B
#
_entry.id   6J7B
#
_cell.length_a   44.310
_cell.length_b   70.920
_cell.length_c   128.130
_cell.angle_alpha   90.00
_cell.angle_beta   90.00
_cell.angle_gamma   90.00
#
_symmetry.space_group_name_H-M   'P 2 21 21'
#
loop_
_entity.id
_entity.type
_entity.pdbx_description
1 polymer 'Tubulinyl-Tyr carboxypeptidase 1'
2 polymer 'Small vasohibin-binding protein'
3 non-polymer N-[(3R)-4-ethoxy-3-hydroxy-4-oxobutanoyl]-L-tyrosine
4 water water
#
loop_
_entity_poly.entity_id
_entity_poly.type
_entity_poly.pdbx_seq_one_letter_code
_entity_poly.pdbx_strand_id
1 'polypeptide(L)'
;GVPFFVNRGGLPVDEATWERMWKHVAKIHPDGEKVAQRIRGATDLPKIPIPSVPTFQPSTPVPERLEAVQRYIRELQYNH
TGTQFFEIKKSRPLTGLMDLAKEMTKEALPIKCLEAVILGIYLTNSMPTLERFPISFKTYFSGNYFRHIVLGVNFAGRYG
ALGMSRREDLMYKPPAFRTLSELVLDFEAAYGRCWHVLKKVKLGQSVSHDPHSVEQIEWKHSVLDVERLGRDDFRKELER
HARDMRLKIG
;
A
2 'polypeptide(L)' MDPPARKEKTKVKESVSRVEKAKQKSAQQELKQRQRAEIYALNRVMTELEQQ B
#
loop_
_chem_comp.id
_chem_comp.type
_chem_comp.name
_chem_comp.formula
BJL non-polymer N-[(3R)-4-ethoxy-3-hydroxy-4-oxobutanoyl]-L-tyrosine 'C15 H19 N O7'
#
# COMPACT_ATOMS: atom_id res chain seq x y z
N GLY A 1 -9.97 10.17 -9.22
CA GLY A 1 -9.26 9.59 -10.35
C GLY A 1 -10.04 8.56 -11.14
N VAL A 2 -9.49 7.35 -11.24
CA VAL A 2 -10.16 6.23 -11.89
C VAL A 2 -10.85 5.39 -10.80
N PRO A 3 -12.14 5.08 -10.95
CA PRO A 3 -12.84 4.34 -9.91
C PRO A 3 -12.45 2.87 -9.87
N PHE A 4 -12.55 2.28 -8.69
CA PHE A 4 -12.32 0.86 -8.51
C PHE A 4 -13.27 0.35 -7.42
N PHE A 5 -13.46 -0.96 -7.42
CA PHE A 5 -14.35 -1.61 -6.48
C PHE A 5 -13.58 -2.04 -5.24
N VAL A 6 -14.28 -2.10 -4.11
CA VAL A 6 -13.70 -2.54 -2.85
C VAL A 6 -14.52 -3.69 -2.30
N ASN A 7 -13.83 -4.75 -1.88
CA ASN A 7 -14.47 -5.85 -1.18
C ASN A 7 -14.78 -5.40 0.25
N ARG A 8 -16.06 -5.27 0.59
CA ARG A 8 -16.44 -4.73 1.88
C ARG A 8 -16.97 -5.78 2.84
N GLY A 9 -16.87 -7.06 2.50
CA GLY A 9 -17.40 -8.09 3.38
C GLY A 9 -16.42 -9.12 3.91
N GLY A 10 -15.12 -8.79 3.95
CA GLY A 10 -14.16 -9.76 4.44
C GLY A 10 -13.86 -10.87 3.44
N LEU A 11 -13.12 -11.86 3.93
CA LEU A 11 -12.73 -13.03 3.14
C LEU A 11 -13.35 -14.29 3.74
N PRO A 12 -13.76 -15.27 2.90
CA PRO A 12 -13.71 -15.29 1.44
C PRO A 12 -14.59 -14.21 0.82
N VAL A 13 -14.22 -13.79 -0.38
CA VAL A 13 -15.00 -12.79 -1.09
C VAL A 13 -16.40 -13.34 -1.31
N ASP A 14 -17.42 -12.55 -0.96
CA ASP A 14 -18.79 -12.97 -1.16
C ASP A 14 -19.11 -13.08 -2.65
N GLU A 15 -20.14 -13.87 -2.94
CA GLU A 15 -20.50 -14.21 -4.31
C GLU A 15 -20.74 -12.99 -5.18
N ALA A 16 -21.45 -11.98 -4.65
CA ALA A 16 -21.78 -10.81 -5.47
C ALA A 16 -20.53 -9.99 -5.80
N THR A 17 -19.67 -9.78 -4.81
CA THR A 17 -18.42 -9.05 -5.03
C THR A 17 -17.52 -9.81 -5.99
N TRP A 18 -17.49 -11.13 -5.88
CA TRP A 18 -16.69 -11.96 -6.77
C TRP A 18 -17.16 -11.85 -8.22
N GLU A 19 -18.48 -11.94 -8.43
CA GLU A 19 -19.00 -11.78 -9.79
C GLU A 19 -18.70 -10.39 -10.33
N ARG A 20 -18.86 -9.36 -9.47
CA ARG A 20 -18.55 -7.99 -9.88
C ARG A 20 -17.10 -7.87 -10.33
N MET A 21 -16.20 -8.55 -9.64
CA MET A 21 -14.79 -8.51 -10.03
C MET A 21 -14.61 -9.03 -11.45
N TRP A 22 -15.25 -10.16 -11.76
CA TRP A 22 -15.10 -10.74 -13.09
C TRP A 22 -15.83 -9.93 -14.15
N LYS A 23 -16.98 -9.35 -13.79
CA LYS A 23 -17.68 -8.51 -14.76
C LYS A 23 -16.83 -7.30 -15.13
N HIS A 24 -16.10 -6.74 -14.15
CA HIS A 24 -15.20 -5.63 -14.44
C HIS A 24 -14.06 -6.08 -15.34
N VAL A 25 -13.55 -7.29 -15.13
CA VAL A 25 -12.47 -7.81 -15.97
C VAL A 25 -12.94 -7.94 -17.41
N ALA A 26 -14.14 -8.49 -17.61
CA ALA A 26 -14.66 -8.65 -18.96
C ALA A 26 -14.87 -7.31 -19.65
N LYS A 27 -15.05 -6.24 -18.87
CA LYS A 27 -15.27 -4.92 -19.46
C LYS A 27 -13.97 -4.31 -19.97
N ILE A 28 -12.92 -4.33 -19.15
CA ILE A 28 -11.72 -3.56 -19.49
C ILE A 28 -10.65 -4.39 -20.20
N HIS A 29 -10.64 -5.70 -20.05
CA HIS A 29 -9.67 -6.51 -20.80
C HIS A 29 -10.21 -6.77 -22.20
N PRO A 30 -9.42 -6.48 -23.24
CA PRO A 30 -9.89 -6.74 -24.61
C PRO A 30 -10.29 -8.19 -24.84
N ASP A 31 -9.75 -9.12 -24.05
CA ASP A 31 -10.12 -10.52 -24.08
C ASP A 31 -10.84 -10.93 -22.79
N GLY A 32 -11.69 -10.05 -22.24
CA GLY A 32 -12.13 -10.22 -20.87
C GLY A 32 -12.91 -11.51 -20.61
N GLU A 33 -13.80 -11.88 -21.54
CA GLU A 33 -14.59 -13.08 -21.33
C GLU A 33 -13.74 -14.34 -21.40
N LYS A 34 -12.77 -14.35 -22.32
CA LYS A 34 -11.87 -15.49 -22.47
C LYS A 34 -10.97 -15.63 -21.26
N VAL A 35 -10.57 -14.52 -20.64
CA VAL A 35 -9.73 -14.58 -19.44
C VAL A 35 -10.47 -15.30 -18.32
N ALA A 36 -11.73 -14.93 -18.09
CA ALA A 36 -12.53 -15.59 -17.04
C ALA A 36 -12.73 -17.05 -17.37
N GLN A 37 -12.96 -17.37 -18.63
CA GLN A 37 -13.27 -18.75 -18.96
C GLN A 37 -12.03 -19.63 -18.76
N ARG A 38 -10.82 -19.08 -18.96
CA ARG A 38 -9.59 -19.84 -18.68
C ARG A 38 -9.35 -20.02 -17.18
N ILE A 39 -9.62 -18.98 -16.39
CA ILE A 39 -9.21 -19.00 -14.99
C ILE A 39 -10.30 -19.57 -14.08
N ARG A 40 -11.55 -19.20 -14.31
CA ARG A 40 -12.59 -19.53 -13.34
C ARG A 40 -12.86 -21.03 -13.36
N GLY A 41 -12.77 -21.65 -12.18
CA GLY A 41 -12.92 -23.08 -12.05
C GLY A 41 -11.75 -23.91 -12.50
N ALA A 42 -10.66 -23.28 -12.96
CA ALA A 42 -9.52 -24.05 -13.46
C ALA A 42 -8.88 -24.82 -12.33
N THR A 43 -8.50 -26.07 -12.59
CA THR A 43 -7.91 -26.92 -11.57
C THR A 43 -6.41 -27.07 -11.71
N ASP A 44 -5.78 -26.32 -12.62
CA ASP A 44 -4.36 -26.46 -12.86
C ASP A 44 -3.63 -25.14 -12.65
N LEU A 45 -4.20 -24.26 -11.81
CA LEU A 45 -3.59 -22.96 -11.58
C LEU A 45 -2.37 -23.10 -10.68
N PRO A 46 -1.40 -22.20 -10.81
CA PRO A 46 -0.24 -22.23 -9.91
C PRO A 46 -0.67 -22.09 -8.46
N LYS A 47 -0.01 -22.84 -7.59
CA LYS A 47 -0.03 -22.56 -6.16
C LYS A 47 0.83 -21.32 -5.91
N ILE A 48 0.31 -20.38 -5.15
CA ILE A 48 1.06 -19.18 -4.76
C ILE A 48 1.58 -19.43 -3.35
N PRO A 49 2.89 -19.44 -3.14
CA PRO A 49 3.41 -19.54 -1.77
C PRO A 49 2.87 -18.39 -0.93
N ILE A 50 2.56 -18.67 0.33
CA ILE A 50 2.20 -17.60 1.24
C ILE A 50 3.50 -16.92 1.69
N PRO A 51 3.70 -15.64 1.39
CA PRO A 51 4.97 -15.00 1.75
C PRO A 51 5.21 -15.06 3.26
N SER A 52 6.47 -15.27 3.63
CA SER A 52 6.82 -15.37 5.05
C SER A 52 6.96 -13.98 5.63
N VAL A 53 6.28 -13.72 6.74
CA VAL A 53 6.43 -12.41 7.38
C VAL A 53 7.85 -12.30 7.92
N PRO A 54 8.60 -11.26 7.56
CA PRO A 54 10.00 -11.19 7.99
C PRO A 54 10.09 -10.94 9.49
N THR A 55 11.05 -11.59 10.13
CA THR A 55 11.37 -11.31 11.52
C THR A 55 12.86 -10.97 11.60
N PHE A 56 13.23 -10.22 12.63
CA PHE A 56 14.52 -9.53 12.64
C PHE A 56 15.34 -9.84 13.88
N GLN A 57 16.62 -10.14 13.63
CA GLN A 57 17.58 -10.26 14.71
C GLN A 57 17.88 -8.88 15.29
N PRO A 58 18.09 -8.78 16.62
CA PRO A 58 18.40 -7.46 17.19
C PRO A 58 19.73 -6.91 16.71
N SER A 59 20.60 -7.74 16.15
CA SER A 59 21.87 -7.27 15.60
C SER A 59 21.74 -6.69 14.19
N THR A 60 20.58 -6.81 13.56
CA THR A 60 20.42 -6.35 12.17
C THR A 60 20.11 -4.86 12.15
N PRO A 61 20.88 -4.03 11.45
CA PRO A 61 20.57 -2.59 11.41
C PRO A 61 19.18 -2.33 10.84
N VAL A 62 18.53 -1.29 11.37
CA VAL A 62 17.18 -0.96 10.92
C VAL A 62 17.10 -0.81 9.41
N PRO A 63 18.01 -0.11 8.72
CA PRO A 63 17.85 0.01 7.25
C PRO A 63 17.84 -1.35 6.54
N GLU A 64 18.59 -2.32 7.04
CA GLU A 64 18.52 -3.66 6.44
C GLU A 64 17.18 -4.31 6.72
N ARG A 65 16.61 -4.08 7.92
CA ARG A 65 15.27 -4.60 8.19
C ARG A 65 14.26 -4.01 7.23
N LEU A 66 14.38 -2.70 6.94
CA LEU A 66 13.42 -2.05 6.05
C LEU A 66 13.47 -2.63 4.64
N GLU A 67 14.66 -2.99 4.17
CA GLU A 67 14.75 -3.65 2.87
C GLU A 67 13.91 -4.91 2.85
N ALA A 68 13.96 -5.69 3.94
CA ALA A 68 13.19 -6.91 4.04
C ALA A 68 11.70 -6.64 4.15
N VAL A 69 11.31 -5.58 4.87
CA VAL A 69 9.90 -5.20 4.93
C VAL A 69 9.40 -4.85 3.53
N GLN A 70 10.17 -4.05 2.79
CA GLN A 70 9.74 -3.69 1.45
C GLN A 70 9.68 -4.91 0.54
N ARG A 71 10.65 -5.84 0.66
CA ARG A 71 10.61 -7.04 -0.18
C ARG A 71 9.33 -7.83 0.09
N TYR A 72 8.92 -7.92 1.35
CA TYR A 72 7.69 -8.63 1.69
C TYR A 72 6.48 -7.96 1.06
N ILE A 73 6.37 -6.64 1.21
CA ILE A 73 5.28 -5.90 0.59
C ILE A 73 5.23 -6.20 -0.90
N ARG A 74 6.38 -6.11 -1.58
CA ARG A 74 6.41 -6.35 -3.03
C ARG A 74 5.99 -7.76 -3.39
N GLU A 75 6.30 -8.74 -2.54
CA GLU A 75 5.99 -10.14 -2.83
C GLU A 75 4.47 -10.35 -2.97
N LEU A 76 3.69 -9.56 -2.26
CA LEU A 76 2.23 -9.68 -2.34
C LEU A 76 1.71 -9.28 -3.71
N GLN A 77 2.44 -8.42 -4.42
CA GLN A 77 2.14 -7.88 -5.75
C GLN A 77 1.15 -6.72 -5.72
N TYR A 78 1.37 -5.74 -6.60
CA TYR A 78 0.38 -4.68 -6.79
C TYR A 78 -0.90 -5.28 -7.35
N ASN A 79 -2.03 -4.89 -6.77
CA ASN A 79 -3.34 -5.43 -7.15
C ASN A 79 -3.85 -4.73 -8.40
N HIS A 80 -3.81 -5.42 -9.54
CA HIS A 80 -4.35 -4.89 -10.79
C HIS A 80 -5.68 -5.52 -11.17
N THR A 81 -6.31 -6.26 -10.25
CA THR A 81 -7.54 -6.98 -10.62
C THR A 81 -8.72 -6.05 -10.81
N GLY A 82 -8.64 -4.84 -10.25
CA GLY A 82 -9.77 -3.93 -10.27
C GLY A 82 -10.62 -3.97 -9.02
N THR A 83 -10.39 -4.93 -8.12
CA THR A 83 -11.14 -5.04 -6.88
C THR A 83 -10.14 -5.06 -5.73
N GLN A 84 -10.24 -4.06 -4.86
CA GLN A 84 -9.43 -4.03 -3.65
C GLN A 84 -9.97 -5.04 -2.65
N PHE A 85 -9.09 -5.88 -2.08
CA PHE A 85 -9.59 -6.99 -1.29
C PHE A 85 -9.76 -6.67 0.19
N PHE A 86 -9.17 -5.58 0.67
CA PHE A 86 -9.30 -5.17 2.06
C PHE A 86 -9.83 -3.74 2.07
N GLU A 87 -10.86 -3.50 2.87
CA GLU A 87 -11.41 -2.16 3.00
C GLU A 87 -10.66 -1.43 4.10
N ILE A 88 -10.13 -0.25 3.77
CA ILE A 88 -9.35 0.54 4.71
C ILE A 88 -10.14 1.78 5.07
N LYS A 89 -10.72 1.83 6.27
CA LYS A 89 -11.36 3.05 6.75
C LYS A 89 -10.28 3.86 7.46
N LYS A 90 -9.87 4.96 6.85
CA LYS A 90 -8.68 5.68 7.31
C LYS A 90 -8.84 6.29 8.69
N SER A 91 -10.08 6.50 9.16
CA SER A 91 -10.28 7.08 10.48
C SER A 91 -10.42 6.04 11.58
N ARG A 92 -10.21 4.76 11.28
CA ARG A 92 -10.31 3.75 12.32
C ARG A 92 -9.18 3.89 13.33
N PRO A 93 -9.43 3.55 14.60
CA PRO A 93 -8.33 3.46 15.57
C PRO A 93 -7.22 2.57 15.05
N LEU A 94 -5.98 2.92 15.43
CA LEU A 94 -4.82 2.17 14.97
C LEU A 94 -4.97 0.69 15.25
N THR A 95 -5.49 0.34 16.42
CA THR A 95 -5.58 -1.08 16.78
C THR A 95 -6.42 -1.85 15.77
N GLY A 96 -7.48 -1.23 15.24
CA GLY A 96 -8.28 -1.92 14.24
C GLY A 96 -7.56 -2.05 12.92
N LEU A 97 -6.80 -1.02 12.54
CA LEU A 97 -6.02 -1.11 11.31
C LEU A 97 -4.90 -2.13 11.44
N MET A 98 -4.34 -2.30 12.65
CA MET A 98 -3.30 -3.31 12.83
C MET A 98 -3.89 -4.72 12.82
N ASP A 99 -5.12 -4.88 13.29
CA ASP A 99 -5.78 -6.18 13.11
C ASP A 99 -5.95 -6.49 11.62
N LEU A 100 -6.29 -5.46 10.83
CA LEU A 100 -6.42 -5.66 9.40
C LEU A 100 -5.09 -5.99 8.75
N ALA A 101 -4.02 -5.32 9.17
CA ALA A 101 -2.72 -5.64 8.61
C ALA A 101 -2.33 -7.07 8.92
N LYS A 102 -2.62 -7.54 10.14
CA LYS A 102 -2.38 -8.94 10.45
C LYS A 102 -3.14 -9.86 9.50
N GLU A 103 -4.39 -9.54 9.19
CA GLU A 103 -5.14 -10.38 8.27
C GLU A 103 -4.56 -10.34 6.86
N MET A 104 -4.03 -9.18 6.44
CA MET A 104 -3.31 -9.12 5.16
C MET A 104 -2.14 -10.10 5.13
N THR A 105 -1.41 -10.24 6.23
CA THR A 105 -0.30 -11.20 6.24
C THR A 105 -0.79 -12.64 6.29
N LYS A 106 -1.97 -12.90 6.86
CA LYS A 106 -2.47 -14.27 6.91
C LYS A 106 -3.09 -14.70 5.59
N GLU A 107 -3.78 -13.78 4.92
CA GLU A 107 -4.49 -14.14 3.71
C GLU A 107 -3.68 -13.92 2.44
N ALA A 108 -2.69 -13.00 2.48
CA ALA A 108 -1.68 -12.87 1.42
C ALA A 108 -2.30 -12.69 0.04
N LEU A 109 -3.01 -11.58 -0.12
CA LEU A 109 -3.58 -11.21 -1.42
C LEU A 109 -2.88 -9.96 -1.96
N PRO A 110 -3.02 -9.65 -3.24
CA PRO A 110 -2.41 -8.41 -3.78
C PRO A 110 -3.00 -7.17 -3.14
N ILE A 111 -2.20 -6.11 -3.10
CA ILE A 111 -2.57 -4.89 -2.40
C ILE A 111 -2.20 -3.68 -3.23
N LYS A 112 -2.77 -2.55 -2.85
CA LYS A 112 -2.44 -1.29 -3.49
C LYS A 112 -1.78 -0.35 -2.46
N CYS A 113 -1.69 0.94 -2.77
CA CYS A 113 -0.80 1.82 -1.98
C CYS A 113 -1.25 2.01 -0.56
N LEU A 114 -2.54 2.20 -0.30
CA LEU A 114 -2.96 2.47 1.08
C LEU A 114 -2.83 1.26 1.99
N GLU A 115 -3.20 0.08 1.46
CA GLU A 115 -3.01 -1.16 2.21
C GLU A 115 -1.55 -1.32 2.59
N ALA A 116 -0.64 -0.99 1.66
CA ALA A 116 0.78 -1.15 1.95
C ALA A 116 1.26 -0.20 3.03
N VAL A 117 0.67 1.00 3.14
CA VAL A 117 1.03 1.90 4.22
C VAL A 117 0.67 1.27 5.56
N ILE A 118 -0.54 0.70 5.65
CA ILE A 118 -0.96 0.04 6.89
C ILE A 118 -0.05 -1.14 7.21
N LEU A 119 0.28 -1.93 6.19
CA LEU A 119 1.18 -3.06 6.40
C LEU A 119 2.56 -2.58 6.85
N GLY A 120 3.06 -1.50 6.25
CA GLY A 120 4.38 -1.01 6.63
C GLY A 120 4.44 -0.55 8.08
N ILE A 121 3.35 0.06 8.57
CA ILE A 121 3.29 0.41 9.99
C ILE A 121 3.34 -0.86 10.84
N TYR A 122 2.49 -1.82 10.52
CA TYR A 122 2.43 -3.08 11.28
C TYR A 122 3.80 -3.75 11.35
N LEU A 123 4.53 -3.76 10.24
CA LEU A 123 5.79 -4.48 10.19
C LEU A 123 6.96 -3.67 10.73
N THR A 124 6.76 -2.42 11.13
CA THR A 124 7.84 -1.64 11.72
C THR A 124 7.51 -1.17 13.13
N ASN A 125 6.42 -1.65 13.72
CA ASN A 125 6.15 -1.31 15.11
C ASN A 125 7.22 -1.84 16.06
N SER A 126 8.01 -2.81 15.62
CA SER A 126 9.11 -3.37 16.41
C SER A 126 10.37 -2.52 16.35
N MET A 127 10.33 -1.36 15.68
CA MET A 127 11.50 -0.53 15.45
C MET A 127 11.25 0.84 16.07
N PRO A 128 11.34 0.96 17.40
CA PRO A 128 11.01 2.23 18.06
C PRO A 128 11.96 3.37 17.68
N THR A 129 13.15 3.07 17.19
CA THR A 129 14.06 4.12 16.71
C THR A 129 13.75 4.57 15.30
N LEU A 130 12.72 4.00 14.66
CA LEU A 130 12.25 4.41 13.35
C LEU A 130 10.96 5.19 13.53
N GLU A 131 10.88 6.37 12.93
CA GLU A 131 9.61 7.07 12.93
C GLU A 131 8.95 6.85 11.58
N ARG A 132 7.63 6.69 11.59
CA ARG A 132 6.84 6.41 10.40
C ARG A 132 5.74 7.44 10.28
N PHE A 133 5.49 7.94 9.06
CA PHE A 133 4.48 8.96 8.89
C PHE A 133 3.99 8.87 7.45
N PRO A 134 2.68 8.95 7.21
CA PRO A 134 2.20 8.83 5.83
C PRO A 134 2.51 10.08 5.02
N ILE A 135 2.77 9.87 3.73
CA ILE A 135 2.89 10.97 2.77
C ILE A 135 1.98 10.65 1.60
N SER A 136 1.02 11.54 1.33
CA SER A 136 0.11 11.39 0.20
C SER A 136 0.48 12.41 -0.87
N PHE A 137 0.45 11.97 -2.13
CA PHE A 137 0.77 12.82 -3.27
C PHE A 137 -0.41 12.86 -4.21
N LYS A 138 -0.86 14.05 -4.59
CA LYS A 138 -1.86 14.22 -5.63
C LYS A 138 -1.16 14.73 -6.88
N THR A 139 -1.29 14.00 -7.99
CA THR A 139 -0.64 14.40 -9.24
C THR A 139 -1.67 14.54 -10.34
N TYR A 140 -1.20 15.08 -11.47
CA TYR A 140 -2.06 15.38 -12.60
C TYR A 140 -1.40 14.91 -13.88
N PHE A 141 -2.16 14.23 -14.74
CA PHE A 141 -1.65 13.85 -16.04
C PHE A 141 -2.82 13.66 -17.00
N SER A 142 -2.71 14.29 -18.17
CA SER A 142 -3.65 14.10 -19.27
C SER A 142 -5.10 14.25 -18.81
N GLY A 143 -5.37 15.31 -18.06
CA GLY A 143 -6.72 15.64 -17.67
C GLY A 143 -7.29 14.89 -16.48
N ASN A 144 -6.50 14.06 -15.81
CA ASN A 144 -6.99 13.32 -14.66
C ASN A 144 -6.04 13.49 -13.50
N TYR A 145 -6.59 13.33 -12.29
CA TYR A 145 -5.82 13.40 -11.07
C TYR A 145 -5.59 11.99 -10.54
N PHE A 146 -4.45 11.82 -9.87
CA PHE A 146 -4.02 10.53 -9.37
C PHE A 146 -3.66 10.66 -7.90
N ARG A 147 -4.08 9.70 -7.09
CA ARG A 147 -3.78 9.71 -5.67
C ARG A 147 -2.78 8.62 -5.34
N HIS A 148 -1.77 8.96 -4.56
CA HIS A 148 -0.77 7.99 -4.16
C HIS A 148 -0.42 8.26 -2.71
N ILE A 149 -0.05 7.21 -2.00
CA ILE A 149 0.40 7.37 -0.63
C ILE A 149 1.51 6.38 -0.38
N VAL A 150 2.51 6.82 0.40
CA VAL A 150 3.61 5.98 0.84
C VAL A 150 3.77 6.19 2.34
N LEU A 151 4.55 5.32 2.96
CA LEU A 151 4.90 5.48 4.36
C LEU A 151 6.27 6.11 4.42
N GLY A 152 6.33 7.41 4.72
CA GLY A 152 7.62 8.03 5.02
C GLY A 152 8.23 7.46 6.28
N VAL A 153 9.56 7.35 6.29
CA VAL A 153 10.27 6.88 7.47
C VAL A 153 11.45 7.79 7.76
N ASN A 154 11.85 7.81 9.04
CA ASN A 154 12.99 8.61 9.49
C ASN A 154 13.80 7.72 10.42
N PHE A 155 15.05 7.44 10.03
CA PHE A 155 15.95 6.69 10.89
C PHE A 155 17.22 7.51 11.07
N ALA A 156 17.57 7.79 12.32
CA ALA A 156 18.81 8.49 12.64
C ALA A 156 18.94 9.79 11.85
N GLY A 157 17.82 10.50 11.69
CA GLY A 157 17.81 11.78 11.02
C GLY A 157 17.84 11.73 9.51
N ARG A 158 17.73 10.55 8.91
CA ARG A 158 17.68 10.39 7.46
C ARG A 158 16.31 9.87 7.05
N TYR A 159 15.81 10.36 5.93
CA TYR A 159 14.44 10.08 5.51
C TYR A 159 14.40 9.13 4.33
N GLY A 160 13.42 8.24 4.35
CA GLY A 160 13.18 7.31 3.27
C GLY A 160 11.70 7.02 3.16
N ALA A 161 11.33 5.94 2.45
CA ALA A 161 9.93 5.60 2.34
C ALA A 161 9.76 4.10 2.04
N LEU A 162 8.64 3.56 2.50
CA LEU A 162 8.17 2.22 2.15
C LEU A 162 6.84 2.36 1.43
N GLY A 163 6.48 1.38 0.62
CA GLY A 163 5.13 1.42 0.07
C GLY A 163 4.99 0.57 -1.18
N MET A 164 3.85 0.78 -1.82
CA MET A 164 3.47 0.02 -2.99
C MET A 164 2.93 0.97 -4.05
N SER A 165 3.40 0.79 -5.27
CA SER A 165 2.94 1.58 -6.41
C SER A 165 3.01 0.71 -7.65
N ARG A 166 2.28 1.10 -8.66
CA ARG A 166 2.45 0.37 -9.87
C ARG A 166 3.73 0.82 -10.58
N ARG A 167 4.44 1.84 -10.11
CA ARG A 167 5.67 2.33 -10.72
C ARG A 167 6.83 2.17 -9.75
N GLU A 168 7.95 1.65 -10.26
CA GLU A 168 9.10 1.30 -9.43
C GLU A 168 9.67 2.48 -8.67
N ASP A 169 9.57 3.70 -9.24
CA ASP A 169 10.20 4.89 -8.68
C ASP A 169 9.34 5.62 -7.66
N LEU A 170 8.13 5.13 -7.41
CA LEU A 170 7.19 5.86 -6.57
C LEU A 170 6.87 5.08 -5.31
N MET A 171 7.80 4.26 -4.83
CA MET A 171 7.55 3.64 -3.53
C MET A 171 8.81 3.66 -2.67
N TYR A 172 9.64 2.65 -2.77
CA TYR A 172 10.73 2.46 -1.82
C TYR A 172 11.84 3.50 -1.99
N LYS A 173 12.25 4.12 -0.89
CA LYS A 173 13.45 4.96 -0.85
C LYS A 173 14.24 4.57 0.39
N PRO A 174 15.49 4.12 0.27
CA PRO A 174 16.28 3.86 1.47
C PRO A 174 16.38 5.11 2.30
N PRO A 175 16.45 4.97 3.63
CA PRO A 175 16.49 6.15 4.52
C PRO A 175 17.86 6.84 4.50
N ALA A 176 18.08 7.60 3.45
CA ALA A 176 19.37 8.25 3.21
C ALA A 176 19.26 9.74 2.93
N PHE A 177 18.06 10.28 2.76
CA PHE A 177 17.90 11.70 2.46
C PHE A 177 18.11 12.51 3.73
N ARG A 178 18.93 13.56 3.63
CA ARG A 178 19.28 14.33 4.81
C ARG A 178 18.09 15.09 5.38
N THR A 179 17.15 15.49 4.53
CA THR A 179 16.02 16.30 4.97
C THR A 179 14.74 15.74 4.35
N LEU A 180 13.62 16.04 5.01
CA LEU A 180 12.32 15.68 4.47
C LEU A 180 12.09 16.34 3.12
N SER A 181 12.51 17.60 2.98
CA SER A 181 12.39 18.28 1.69
C SER A 181 13.07 17.49 0.57
N GLU A 182 14.27 16.98 0.83
CA GLU A 182 14.98 16.24 -0.23
C GLU A 182 14.22 14.98 -0.61
N LEU A 183 13.62 14.29 0.37
CA LEU A 183 12.82 13.10 0.08
C LEU A 183 11.63 13.44 -0.80
N VAL A 184 10.87 14.47 -0.41
CA VAL A 184 9.68 14.84 -1.16
C VAL A 184 10.05 15.34 -2.56
N LEU A 185 11.14 16.11 -2.67
CA LEU A 185 11.58 16.58 -3.99
C LEU A 185 12.01 15.42 -4.88
N ASP A 186 12.54 14.34 -4.29
CA ASP A 186 12.86 13.16 -5.10
C ASP A 186 11.59 12.53 -5.67
N PHE A 187 10.55 12.40 -4.85
CA PHE A 187 9.28 11.91 -5.38
C PHE A 187 8.74 12.85 -6.46
N GLU A 188 8.83 14.16 -6.23
CA GLU A 188 8.33 15.10 -7.24
C GLU A 188 9.05 14.92 -8.57
N ALA A 189 10.37 14.75 -8.52
CA ALA A 189 11.13 14.52 -9.74
C ALA A 189 10.76 13.19 -10.38
N ALA A 190 10.56 12.14 -9.58
CA ALA A 190 10.16 10.85 -10.12
C ALA A 190 8.82 10.95 -10.83
N TYR A 191 7.86 11.65 -10.23
CA TYR A 191 6.59 11.91 -10.89
C TYR A 191 6.80 12.65 -12.21
N GLY A 192 7.63 13.69 -12.19
CA GLY A 192 7.86 14.47 -13.39
C GLY A 192 8.45 13.65 -14.51
N ARG A 193 9.31 12.68 -14.17
CA ARG A 193 9.92 11.85 -15.21
C ARG A 193 8.89 10.99 -15.94
N CYS A 194 7.79 10.62 -15.27
CA CYS A 194 6.70 9.95 -15.98
C CYS A 194 5.54 10.90 -16.26
N TRP A 195 5.84 12.20 -16.37
CA TRP A 195 4.98 13.22 -16.96
C TRP A 195 3.78 13.55 -16.09
N HIS A 196 3.88 13.32 -14.78
CA HIS A 196 2.87 13.73 -13.81
C HIS A 196 3.31 15.04 -13.15
N VAL A 197 2.37 15.97 -13.03
CA VAL A 197 2.60 17.21 -12.28
C VAL A 197 2.17 16.98 -10.84
N LEU A 198 3.07 17.23 -9.89
CA LEU A 198 2.76 17.12 -8.46
C LEU A 198 1.95 18.35 -8.04
N LYS A 199 0.73 18.12 -7.56
CA LYS A 199 -0.19 19.20 -7.21
C LYS A 199 -0.27 19.45 -5.70
N LYS A 200 -0.40 18.39 -4.89
CA LYS A 200 -0.53 18.51 -3.45
C LYS A 200 0.29 17.43 -2.77
N VAL A 201 0.80 17.76 -1.59
CA VAL A 201 1.43 16.78 -0.70
C VAL A 201 0.76 16.89 0.65
N LYS A 202 0.32 15.76 1.18
CA LYS A 202 -0.33 15.74 2.50
C LYS A 202 0.50 14.84 3.40
N LEU A 203 1.00 15.39 4.51
CA LEU A 203 1.93 14.69 5.37
C LEU A 203 1.30 14.45 6.73
N GLY A 204 1.42 13.23 7.23
CA GLY A 204 0.85 12.90 8.51
C GLY A 204 1.84 13.08 9.65
N GLN A 205 1.32 12.94 10.87
CA GLN A 205 2.17 12.91 12.04
C GLN A 205 2.79 11.52 12.21
N SER A 206 3.80 11.45 13.08
CA SER A 206 4.39 10.18 13.47
C SER A 206 3.34 9.24 14.03
N VAL A 207 3.44 7.95 13.69
CA VAL A 207 2.45 6.95 14.08
C VAL A 207 2.97 6.16 15.29
N SER A 208 2.08 5.94 16.26
CA SER A 208 2.46 5.15 17.43
C SER A 208 2.97 3.76 17.06
N HIS A 209 3.94 3.27 17.84
CA HIS A 209 4.44 1.91 17.70
C HIS A 209 3.64 0.90 18.50
N ASP A 210 2.54 1.32 19.14
CA ASP A 210 1.72 0.44 19.95
C ASP A 210 0.61 -0.11 19.05
N PRO A 211 0.62 -1.39 18.69
CA PRO A 211 -0.44 -1.90 17.80
C PRO A 211 -1.80 -1.95 18.46
N HIS A 212 -1.87 -1.71 19.77
CA HIS A 212 -3.15 -1.66 20.45
C HIS A 212 -3.57 -0.23 20.78
N SER A 213 -2.87 0.75 20.22
CA SER A 213 -3.25 2.14 20.40
C SER A 213 -4.65 2.39 19.87
N VAL A 214 -5.43 3.21 20.60
CA VAL A 214 -6.72 3.64 20.09
C VAL A 214 -6.66 4.98 19.36
N GLU A 215 -5.47 5.56 19.21
CA GLU A 215 -5.26 6.79 18.45
C GLU A 215 -5.55 6.57 16.96
N GLN A 216 -6.06 7.61 16.31
CA GLN A 216 -6.18 7.62 14.86
C GLN A 216 -4.87 8.08 14.24
N ILE A 217 -4.61 7.59 13.03
CA ILE A 217 -3.53 8.15 12.23
C ILE A 217 -3.95 9.54 11.78
N GLU A 218 -3.04 10.50 11.89
CA GLU A 218 -3.35 11.88 11.52
C GLU A 218 -2.74 12.10 10.14
N TRP A 219 -3.55 11.90 9.10
CA TRP A 219 -3.07 11.81 7.72
C TRP A 219 -2.69 13.16 7.13
N LYS A 220 -3.30 14.24 7.62
CA LYS A 220 -3.30 15.53 6.95
C LYS A 220 -2.82 16.62 7.88
N HIS A 221 -1.77 16.34 8.64
CA HIS A 221 -1.24 17.32 9.58
C HIS A 221 -0.69 18.54 8.85
N SER A 222 -0.06 18.32 7.70
CA SER A 222 0.31 19.39 6.78
C SER A 222 -0.28 19.08 5.41
N VAL A 223 -0.95 20.06 4.81
CA VAL A 223 -1.46 19.91 3.45
C VAL A 223 -0.85 21.05 2.63
N LEU A 224 -0.03 20.69 1.66
CA LEU A 224 0.80 21.63 0.92
C LEU A 224 0.35 21.71 -0.54
N ASP A 225 -0.02 22.92 -0.97
CA ASP A 225 -0.40 23.19 -2.35
C ASP A 225 0.88 23.60 -3.06
N VAL A 226 1.44 22.68 -3.85
CA VAL A 226 2.81 22.86 -4.35
C VAL A 226 2.94 24.11 -5.19
N GLU A 227 2.04 24.28 -6.16
CA GLU A 227 2.19 25.41 -7.06
C GLU A 227 1.89 26.73 -6.37
N ARG A 228 0.90 26.75 -5.47
CA ARG A 228 0.59 27.96 -4.73
C ARG A 228 1.75 28.39 -3.86
N LEU A 229 2.42 27.42 -3.22
CA LEU A 229 3.52 27.74 -2.32
C LEU A 229 4.73 28.28 -3.07
N GLY A 230 5.08 27.66 -4.19
CA GLY A 230 6.35 27.92 -4.82
C GLY A 230 7.47 27.26 -4.05
N ARG A 231 8.68 27.37 -4.60
CA ARG A 231 9.79 26.50 -4.20
C ARG A 231 10.22 26.76 -2.76
N ASP A 232 10.47 28.03 -2.41
CA ASP A 232 11.06 28.34 -1.11
C ASP A 232 10.10 28.01 0.03
N ASP A 233 8.84 28.44 -0.09
CA ASP A 233 7.86 28.18 0.96
C ASP A 233 7.47 26.70 1.01
N PHE A 234 7.53 26.00 -0.12
CA PHE A 234 7.36 24.55 -0.12
C PHE A 234 8.40 23.88 0.79
N ARG A 235 9.68 24.25 0.61
CA ARG A 235 10.72 23.67 1.44
C ARG A 235 10.55 24.07 2.91
N LYS A 236 10.24 25.33 3.17
CA LYS A 236 10.06 25.78 4.55
C LYS A 236 8.92 25.04 5.23
N GLU A 237 7.82 24.79 4.50
CA GLU A 237 6.70 24.06 5.07
C GLU A 237 7.08 22.61 5.36
N LEU A 238 7.88 21.99 4.49
CA LEU A 238 8.34 20.63 4.75
C LEU A 238 9.29 20.61 5.95
N GLU A 239 10.16 21.61 6.08
CA GLU A 239 11.03 21.71 7.26
C GLU A 239 10.22 21.83 8.53
N ARG A 240 9.17 22.67 8.50
CA ARG A 240 8.29 22.82 9.64
C ARG A 240 7.60 21.51 10.00
N HIS A 241 7.15 20.76 9.00
CA HIS A 241 6.54 19.47 9.29
C HIS A 241 7.52 18.53 9.96
N ALA A 242 8.75 18.46 9.44
CA ALA A 242 9.76 17.60 10.04
C ALA A 242 10.00 17.97 11.50
N ARG A 243 9.99 19.27 11.82
CA ARG A 243 10.14 19.70 13.22
C ARG A 243 8.95 19.29 14.07
N ASP A 244 7.73 19.46 13.55
CA ASP A 244 6.53 19.02 14.25
C ASP A 244 6.59 17.55 14.61
N MET A 245 7.11 16.72 13.70
CA MET A 245 7.16 15.28 13.98
C MET A 245 8.20 14.96 15.04
N ARG A 246 9.33 15.65 15.03
CA ARG A 246 10.37 15.38 16.01
C ARG A 246 9.86 15.56 17.44
N LEU A 247 8.79 16.34 17.63
CA LEU A 247 8.31 16.61 18.96
C LEU A 247 7.13 15.73 19.35
N LYS A 248 6.51 15.03 18.41
CA LYS A 248 5.46 14.05 18.74
C LYS A 248 6.13 12.73 19.13
N ILE A 249 6.05 12.39 20.41
CA ILE A 249 6.60 11.13 20.91
C ILE A 249 5.46 10.23 21.35
N GLU B 20 -19.71 -29.66 14.23
CA GLU B 20 -19.08 -29.72 12.92
C GLU B 20 -18.43 -28.37 12.57
N LYS B 21 -17.97 -27.66 13.59
CA LYS B 21 -17.36 -26.35 13.37
C LYS B 21 -16.00 -26.45 12.70
N ALA B 22 -15.25 -27.52 12.99
CA ALA B 22 -13.95 -27.71 12.36
C ALA B 22 -14.08 -27.96 10.86
N LYS B 23 -15.12 -28.67 10.44
CA LYS B 23 -15.34 -28.87 9.00
C LYS B 23 -15.80 -27.59 8.33
N GLN B 24 -16.64 -26.80 9.01
CA GLN B 24 -17.10 -25.54 8.43
C GLN B 24 -15.93 -24.59 8.18
N LYS B 25 -15.01 -24.49 9.15
CA LYS B 25 -13.80 -23.72 8.92
C LYS B 25 -12.99 -24.30 7.77
N SER B 26 -13.02 -25.63 7.60
CA SER B 26 -12.32 -26.25 6.49
C SER B 26 -12.87 -25.79 5.15
N ALA B 27 -14.21 -25.74 5.04
CA ALA B 27 -14.83 -25.27 3.80
C ALA B 27 -14.50 -23.81 3.54
N GLN B 28 -14.51 -22.98 4.60
CA GLN B 28 -14.14 -21.58 4.44
C GLN B 28 -12.69 -21.42 4.00
N GLN B 29 -11.79 -22.21 4.59
CA GLN B 29 -10.39 -22.13 4.20
C GLN B 29 -10.19 -22.59 2.77
N GLU B 30 -10.93 -23.62 2.33
CA GLU B 30 -10.81 -24.06 0.94
C GLU B 30 -11.34 -23.01 -0.03
N LEU B 31 -12.47 -22.37 0.32
CA LEU B 31 -12.97 -21.25 -0.47
C LEU B 31 -11.89 -20.19 -0.64
N LYS B 32 -11.23 -19.84 0.45
CA LYS B 32 -10.19 -18.82 0.37
C LYS B 32 -9.01 -19.28 -0.48
N GLN B 33 -8.67 -20.55 -0.42
CA GLN B 33 -7.59 -21.04 -1.22
C GLN B 33 -7.90 -21.04 -2.72
N ARG B 34 -9.07 -21.52 -3.09
CA ARG B 34 -9.49 -21.50 -4.49
C ARG B 34 -9.57 -20.07 -4.99
N GLN B 35 -10.09 -19.16 -4.16
CA GLN B 35 -10.18 -17.76 -4.59
C GLN B 35 -8.81 -17.14 -4.74
N ARG B 36 -7.90 -17.42 -3.81
CA ARG B 36 -6.57 -16.82 -3.88
C ARG B 36 -5.83 -17.25 -5.14
N ALA B 37 -5.97 -18.52 -5.52
CA ALA B 37 -5.30 -18.99 -6.73
C ALA B 37 -5.85 -18.29 -7.97
N GLU B 38 -7.16 -18.08 -8.02
CA GLU B 38 -7.75 -17.37 -9.16
C GLU B 38 -7.36 -15.89 -9.13
N ILE B 39 -7.30 -15.29 -7.95
CA ILE B 39 -6.91 -13.88 -7.84
C ILE B 39 -5.51 -13.67 -8.40
N TYR B 40 -4.56 -14.54 -8.05
CA TYR B 40 -3.21 -14.35 -8.55
C TYR B 40 -3.10 -14.66 -10.03
N ALA B 41 -3.86 -15.64 -10.53
CA ALA B 41 -3.85 -15.89 -11.97
C ALA B 41 -4.41 -14.69 -12.71
N LEU B 42 -5.49 -14.11 -12.19
CA LEU B 42 -6.06 -12.92 -12.81
C LEU B 42 -5.10 -11.75 -12.69
N ASN B 43 -4.44 -11.62 -11.53
CA ASN B 43 -3.55 -10.49 -11.34
C ASN B 43 -2.39 -10.53 -12.33
N ARG B 44 -1.89 -11.72 -12.66
CA ARG B 44 -0.81 -11.77 -13.63
C ARG B 44 -1.29 -11.27 -14.99
N VAL B 45 -2.48 -11.68 -15.39
CA VAL B 45 -3.05 -11.24 -16.67
C VAL B 45 -3.25 -9.73 -16.66
N MET B 46 -3.82 -9.19 -15.60
CA MET B 46 -4.11 -7.76 -15.59
C MET B 46 -2.85 -6.93 -15.42
N THR B 47 -1.84 -7.47 -14.73
CA THR B 47 -0.56 -6.76 -14.66
C THR B 47 0.09 -6.69 -16.03
N GLU B 48 0.08 -7.78 -16.78
CA GLU B 48 0.67 -7.77 -18.10
C GLU B 48 -0.11 -6.84 -19.04
N LEU B 49 -1.43 -6.74 -18.86
CA LEU B 49 -2.20 -5.79 -19.63
C LEU B 49 -1.82 -4.35 -19.28
N GLU B 50 -1.75 -4.04 -17.99
CA GLU B 50 -1.45 -2.67 -17.55
C GLU B 50 -0.07 -2.22 -18.02
N GLN B 51 0.89 -3.13 -18.09
CA GLN B 51 2.23 -2.75 -18.53
C GLN B 51 2.26 -2.56 -20.05
N GLN B 52 1.98 -3.62 -20.80
CA GLN B 52 1.80 -3.54 -22.25
C GLN B 52 1.23 -4.86 -22.80
CB1 BJL C . -1.42 5.75 -8.30
CG BJL C . -1.13 5.63 -9.78
CD1 BJL C . -2.16 5.30 -10.66
CD2 BJL C . 0.15 5.87 -10.27
CE1 BJL C . -1.91 5.20 -12.02
CE2 BJL C . 0.40 5.77 -11.64
CZ BJL C . -0.63 5.43 -12.52
OH BJL C . -0.39 5.34 -13.85
C1 BJL C . -0.26 3.69 -7.62
C14 BJL C . -2.38 3.78 -5.35
C15 BJL C . -3.03 4.26 -4.08
C17 BJL C . -4.11 3.21 -3.84
C19 BJL C . -5.21 3.45 -4.83
C22 BJL C . -6.09 4.83 -6.73
C23 BJL C . -5.35 4.17 -7.87
CA1 BJL C . -1.59 4.40 -7.60
N1 BJL C . -2.06 4.70 -6.26
O1 BJL C . -0.10 2.72 -8.39
O16 BJL C . -2.22 2.59 -5.51
O18 BJL C . -4.61 3.20 -2.50
O20 BJL C . -6.03 2.57 -5.05
O21 BJL C . -5.33 4.73 -5.52
OXT BJL C . 0.65 4.11 -6.89
#